data_6TOO
#
_entry.id   6TOO
#
_cell.length_a   67.775
_cell.length_b   67.775
_cell.length_c   165.288
_cell.angle_alpha   90.000
_cell.angle_beta   90.000
_cell.angle_gamma   120.000
#
_symmetry.space_group_name_H-M   'P 61 2 2'
#
loop_
_entity.id
_entity.type
_entity.pdbx_description
1 polymer 'B-cell lymphoma 6 protein'
2 polymer ALA-TRP-VAL-ILE-PRO-ALA
3 non-polymer 2-chloranyl-4-[[1-methyl-3-[(2~{S})-2-oxidanylbutyl]-2-oxidanylidene-benzimidazol-5-yl]amino]pyridine-3-carbonitrile
4 non-polymer 1,2-ETHANEDIOL
5 water water
#
loop_
_entity_poly.entity_id
_entity_poly.type
_entity_poly.pdbx_seq_one_letter_code
_entity_poly.pdbx_strand_id
1 'polypeptide(L)'
;GPGADSCIQFTRHASDVLLNLNRLRSRDILTDVVIVVSREQFRAHKTVLMACSGLFYSIFTDQLKCNLSVINLDPEINPE
GFCILLDFMYTSRLNLREGNIMAVMATAMYLQMEHVVDTCRKFIKASE
;
A
2 'polypeptide(L)' AWVIPA B
#
# COMPACT_ATOMS: atom_id res chain seq x y z
N ALA A 4 25.67 -5.81 -13.88
CA ALA A 4 26.96 -6.23 -13.34
C ALA A 4 26.86 -6.62 -11.86
N ASP A 5 27.75 -7.52 -11.42
CA ASP A 5 27.86 -8.00 -10.04
C ASP A 5 28.80 -7.11 -9.22
N SER A 6 29.41 -6.09 -9.86
CA SER A 6 30.35 -5.15 -9.24
C SER A 6 29.67 -3.83 -8.76
N CYS A 7 28.34 -3.79 -8.69
CA CYS A 7 27.55 -2.62 -8.25
CA CYS A 7 27.69 -2.55 -8.27
C CYS A 7 27.83 -2.29 -6.77
N ILE A 8 27.68 -1.02 -6.37
CA ILE A 8 27.64 -0.56 -4.97
C ILE A 8 26.13 -0.32 -4.74
N GLN A 9 25.70 -0.19 -3.48
N GLN A 9 25.68 -0.34 -3.47
CA GLN A 9 24.28 -0.02 -3.15
CA GLN A 9 24.27 -0.17 -3.09
C GLN A 9 24.07 1.06 -2.07
C GLN A 9 24.12 1.02 -2.16
N PHE A 10 23.18 2.04 -2.36
N PHE A 10 23.00 1.75 -2.26
CA PHE A 10 22.83 3.06 -1.38
CA PHE A 10 22.66 2.87 -1.39
C PHE A 10 21.71 2.50 -0.52
C PHE A 10 21.56 2.40 -0.43
N THR A 11 22.04 2.20 0.74
N THR A 11 21.96 2.12 0.83
CA THR A 11 21.11 1.59 1.71
CA THR A 11 21.12 1.58 1.91
C THR A 11 19.76 2.30 1.84
C THR A 11 19.80 2.32 2.14
N ARG A 12 19.78 3.64 1.95
CA ARG A 12 18.55 4.42 2.21
C ARG A 12 17.75 4.75 0.97
N HIS A 13 18.22 4.33 -0.22
CA HIS A 13 17.53 4.72 -1.46
C HIS A 13 16.06 4.31 -1.52
N ALA A 14 15.76 3.02 -1.28
CA ALA A 14 14.36 2.55 -1.40
C ALA A 14 13.42 3.29 -0.43
N SER A 15 13.86 3.52 0.83
N SER A 15 13.89 3.53 0.81
N SER A 15 13.88 3.51 0.82
CA SER A 15 13.00 4.24 1.78
CA SER A 15 13.14 4.23 1.85
CA SER A 15 13.08 4.24 1.81
C SER A 15 12.83 5.71 1.35
C SER A 15 12.89 5.69 1.44
C SER A 15 12.86 5.70 1.40
N ASP A 16 13.89 6.33 0.80
CA ASP A 16 13.80 7.74 0.34
C ASP A 16 12.85 7.83 -0.85
N VAL A 17 12.87 6.84 -1.77
CA VAL A 17 11.93 6.83 -2.91
C VAL A 17 10.50 6.76 -2.36
N LEU A 18 10.24 5.87 -1.40
CA LEU A 18 8.89 5.72 -0.85
C LEU A 18 8.44 7.00 -0.15
N LEU A 19 9.37 7.70 0.59
CA LEU A 19 9.03 8.96 1.24
CA LEU A 19 9.02 8.97 1.24
C LEU A 19 8.56 9.97 0.18
N ASN A 20 9.28 10.02 -0.97
CA ASN A 20 8.89 10.96 -2.03
C ASN A 20 7.60 10.57 -2.70
N LEU A 21 7.36 9.25 -2.91
CA LEU A 21 6.06 8.85 -3.48
C LEU A 21 4.92 9.24 -2.53
N ASN A 22 5.14 9.09 -1.21
CA ASN A 22 4.09 9.48 -0.26
C ASN A 22 3.85 11.01 -0.29
N ARG A 23 4.94 11.79 -0.47
CA ARG A 23 4.80 13.26 -0.55
C ARG A 23 4.01 13.62 -1.83
N LEU A 24 4.24 12.90 -2.96
CA LEU A 24 3.44 13.12 -4.17
C LEU A 24 1.96 12.81 -3.87
N ARG A 25 1.69 11.67 -3.17
CA ARG A 25 0.32 11.33 -2.81
C ARG A 25 -0.33 12.42 -1.94
N SER A 26 0.37 12.91 -0.90
N SER A 26 0.39 12.91 -0.90
N SER A 26 0.39 12.93 -0.90
CA SER A 26 -0.20 13.94 -0.01
CA SER A 26 -0.12 13.96 0.00
CA SER A 26 -0.10 13.97 0.02
C SER A 26 -0.57 15.21 -0.79
C SER A 26 -0.54 15.21 -0.78
C SER A 26 -0.42 15.30 -0.67
N ARG A 27 0.24 15.54 -1.81
CA ARG A 27 0.02 16.72 -2.62
C ARG A 27 -0.84 16.49 -3.86
N ASP A 28 -1.30 15.26 -4.02
CA ASP A 28 -2.16 14.83 -5.12
C ASP A 28 -1.47 15.04 -6.48
N ILE A 29 -0.16 14.75 -6.52
CA ILE A 29 0.62 14.92 -7.74
C ILE A 29 0.70 13.61 -8.50
N LEU A 30 0.26 13.61 -9.78
N LEU A 30 0.20 13.63 -9.76
CA LEU A 30 0.31 12.46 -10.68
CA LEU A 30 0.18 12.52 -10.71
C LEU A 30 -0.53 11.24 -10.21
C LEU A 30 -0.56 11.26 -10.22
N THR A 31 -1.45 11.44 -9.24
CA THR A 31 -2.34 10.35 -8.81
C THR A 31 -3.25 10.07 -10.02
N ASP A 32 -3.53 8.79 -10.26
CA ASP A 32 -4.24 8.37 -11.47
C ASP A 32 -5.39 7.43 -11.23
N VAL A 33 -5.78 7.25 -9.97
CA VAL A 33 -6.94 6.41 -9.68
C VAL A 33 -7.57 6.88 -8.37
N VAL A 34 -8.89 6.67 -8.24
CA VAL A 34 -9.62 6.90 -7.01
C VAL A 34 -10.16 5.53 -6.61
N ILE A 35 -9.90 5.11 -5.36
CA ILE A 35 -10.43 3.87 -4.79
C ILE A 35 -11.59 4.28 -3.94
N VAL A 36 -12.78 3.71 -4.21
CA VAL A 36 -13.99 4.03 -3.47
C VAL A 36 -14.31 2.87 -2.53
N VAL A 37 -14.46 3.19 -1.23
CA VAL A 37 -14.73 2.23 -0.16
C VAL A 37 -15.94 2.77 0.60
N SER A 38 -17.12 2.21 0.35
N SER A 38 -17.11 2.25 0.26
CA SER A 38 -18.31 2.62 1.09
CA SER A 38 -18.35 2.75 0.82
C SER A 38 -18.51 4.12 1.08
C SER A 38 -18.44 4.22 0.41
N ARG A 39 -18.35 4.72 -0.08
N ARG A 39 -18.72 5.10 1.34
CA ARG A 39 -18.47 6.17 -0.34
CA ARG A 39 -18.78 6.51 0.97
C ARG A 39 -17.32 7.05 0.18
C ARG A 39 -17.44 7.14 0.57
N GLU A 40 -16.24 6.44 0.66
N GLU A 40 -16.38 6.74 1.25
CA GLU A 40 -15.06 7.19 1.06
CA GLU A 40 -15.04 7.30 1.11
C GLU A 40 -14.12 7.05 -0.14
C GLU A 40 -14.24 7.10 -0.20
N GLN A 41 -13.49 8.13 -0.55
CA GLN A 41 -12.65 8.12 -1.74
C GLN A 41 -11.19 8.29 -1.36
N PHE A 42 -10.30 7.52 -1.99
CA PHE A 42 -8.88 7.59 -1.70
C PHE A 42 -8.13 7.72 -3.01
N ARG A 43 -7.37 8.81 -3.21
CA ARG A 43 -6.58 9.01 -4.44
C ARG A 43 -5.23 8.34 -4.28
N ALA A 44 -4.73 7.69 -5.33
CA ALA A 44 -3.45 6.99 -5.22
C ALA A 44 -2.81 6.84 -6.60
N HIS A 45 -1.60 6.22 -6.63
CA HIS A 45 -0.89 5.93 -7.86
C HIS A 45 -1.08 4.43 -8.14
N LYS A 46 -1.60 4.07 -9.33
CA LYS A 46 -1.80 2.66 -9.67
C LYS A 46 -0.53 1.83 -9.45
N THR A 47 0.64 2.35 -9.87
CA THR A 47 1.87 1.54 -9.75
C THR A 47 2.18 1.18 -8.30
N VAL A 48 1.95 2.11 -7.35
CA VAL A 48 2.26 1.79 -5.94
C VAL A 48 1.24 0.74 -5.44
N LEU A 49 -0.05 0.91 -5.81
CA LEU A 49 -1.06 -0.08 -5.39
C LEU A 49 -0.69 -1.48 -5.90
N MET A 50 -0.31 -1.60 -7.20
CA MET A 50 0.08 -2.88 -7.81
C MET A 50 1.31 -3.45 -7.09
N ALA A 51 2.28 -2.61 -6.75
CA ALA A 51 3.52 -3.07 -6.13
C ALA A 51 3.27 -3.63 -4.73
N CYS A 52 2.15 -3.22 -4.10
CA CYS A 52 1.88 -3.58 -2.70
C CYS A 52 0.78 -4.60 -2.50
N SER A 53 -0.02 -4.89 -3.52
CA SER A 53 -1.23 -5.68 -3.34
C SER A 53 -1.45 -6.64 -4.50
N GLY A 54 -1.70 -7.92 -4.18
CA GLY A 54 -2.01 -8.91 -5.20
C GLY A 54 -3.32 -8.61 -5.92
N LEU A 55 -4.29 -8.02 -5.19
CA LEU A 55 -5.58 -7.66 -5.79
C LEU A 55 -5.37 -6.53 -6.82
N PHE A 56 -4.69 -5.44 -6.43
CA PHE A 56 -4.47 -4.34 -7.37
C PHE A 56 -3.56 -4.75 -8.53
N TYR A 57 -2.58 -5.65 -8.28
CA TYR A 57 -1.71 -6.13 -9.38
C TYR A 57 -2.60 -6.84 -10.41
N SER A 58 -3.55 -7.67 -9.93
CA SER A 58 -4.47 -8.35 -10.86
C SER A 58 -5.37 -7.35 -11.61
N ILE A 59 -5.92 -6.36 -10.90
CA ILE A 59 -6.81 -5.36 -11.52
C ILE A 59 -6.10 -4.54 -12.58
N PHE A 60 -4.94 -3.98 -12.26
CA PHE A 60 -4.34 -3.04 -13.20
C PHE A 60 -3.52 -3.70 -14.30
N THR A 61 -3.36 -5.03 -14.28
CA THR A 61 -2.73 -5.74 -15.41
C THR A 61 -3.84 -6.25 -16.35
N ASP A 62 -5.12 -6.11 -15.96
CA ASP A 62 -6.21 -6.53 -16.83
C ASP A 62 -6.35 -5.50 -17.96
N GLN A 63 -6.46 -5.97 -19.22
CA GLN A 63 -6.52 -5.11 -20.40
C GLN A 63 -7.67 -4.07 -20.41
N LEU A 64 -8.79 -4.33 -19.69
N LEU A 64 -8.77 -4.35 -19.68
CA LEU A 64 -9.86 -3.33 -19.59
CA LEU A 64 -9.95 -3.51 -19.58
C LEU A 64 -9.74 -2.51 -18.32
C LEU A 64 -9.96 -2.63 -18.31
N LYS A 65 -9.54 -3.17 -17.16
CA LYS A 65 -9.51 -2.45 -15.88
C LYS A 65 -8.32 -1.50 -15.72
N CYS A 66 -7.22 -1.76 -16.45
CA CYS A 66 -6.00 -0.91 -16.38
C CYS A 66 -6.31 0.55 -16.72
N ASN A 67 -7.38 0.78 -17.54
CA ASN A 67 -7.79 2.10 -18.01
C ASN A 67 -8.85 2.80 -17.16
N LEU A 68 -9.36 2.12 -16.12
CA LEU A 68 -10.35 2.75 -15.25
C LEU A 68 -9.69 3.78 -14.31
N SER A 69 -10.40 4.90 -14.07
CA SER A 69 -9.95 5.99 -13.19
CA SER A 69 -9.90 5.95 -13.17
C SER A 69 -10.58 5.85 -11.79
N VAL A 70 -11.57 4.97 -11.65
CA VAL A 70 -12.31 4.75 -10.40
C VAL A 70 -12.46 3.25 -10.21
N ILE A 71 -12.09 2.74 -9.03
CA ILE A 71 -12.28 1.33 -8.69
C ILE A 71 -13.12 1.26 -7.43
N ASN A 72 -14.24 0.50 -7.46
CA ASN A 72 -15.10 0.35 -6.29
C ASN A 72 -14.77 -0.95 -5.57
N LEU A 73 -14.45 -0.86 -4.28
CA LEU A 73 -14.18 -2.08 -3.50
C LEU A 73 -15.47 -2.72 -2.99
N ASP A 74 -15.38 -3.99 -2.57
CA ASP A 74 -16.51 -4.76 -2.02
C ASP A 74 -17.13 -3.96 -0.84
N PRO A 75 -18.48 -3.85 -0.76
N PRO A 75 -18.48 -3.85 -0.75
CA PRO A 75 -19.11 -3.07 0.33
CA PRO A 75 -19.10 -3.07 0.34
C PRO A 75 -18.76 -3.53 1.75
C PRO A 75 -18.80 -3.55 1.76
N GLU A 76 -18.27 -4.76 1.92
CA GLU A 76 -17.91 -5.27 3.26
C GLU A 76 -16.60 -4.65 3.75
N ILE A 77 -15.82 -4.00 2.85
CA ILE A 77 -14.54 -3.44 3.25
C ILE A 77 -14.70 -2.17 4.04
N ASN A 78 -14.02 -2.15 5.21
CA ASN A 78 -14.02 -1.03 6.14
C ASN A 78 -13.12 0.11 5.62
N PRO A 79 -13.64 1.36 5.47
CA PRO A 79 -12.80 2.47 4.99
C PRO A 79 -11.58 2.75 5.88
N GLU A 80 -11.73 2.70 7.23
CA GLU A 80 -10.59 2.92 8.12
C GLU A 80 -9.50 1.85 7.91
N GLY A 81 -9.90 0.59 7.79
CA GLY A 81 -8.96 -0.50 7.51
C GLY A 81 -8.22 -0.26 6.20
N PHE A 82 -8.95 0.17 5.16
CA PHE A 82 -8.32 0.47 3.88
C PHE A 82 -7.33 1.64 4.05
N CYS A 83 -7.76 2.71 4.76
CA CYS A 83 -6.90 3.89 4.96
C CYS A 83 -5.59 3.50 5.65
N ILE A 84 -5.69 2.64 6.68
CA ILE A 84 -4.49 2.18 7.41
C ILE A 84 -3.55 1.41 6.46
N LEU A 85 -4.13 0.56 5.61
CA LEU A 85 -3.30 -0.20 4.67
C LEU A 85 -2.70 0.65 3.56
N LEU A 86 -3.45 1.66 3.06
CA LEU A 86 -2.92 2.57 2.03
C LEU A 86 -1.72 3.35 2.61
N ASP A 87 -1.84 3.81 3.86
CA ASP A 87 -0.73 4.51 4.52
C ASP A 87 0.45 3.55 4.64
N PHE A 88 0.20 2.27 5.00
CA PHE A 88 1.29 1.28 5.11
C PHE A 88 1.97 1.11 3.74
N MET A 89 1.17 1.03 2.66
CA MET A 89 1.77 0.84 1.34
C MET A 89 2.83 1.92 1.07
N TYR A 90 2.49 3.18 1.43
CA TYR A 90 3.35 4.32 1.11
C TYR A 90 4.38 4.65 2.18
N THR A 91 4.41 3.93 3.33
CA THR A 91 5.36 4.32 4.40
C THR A 91 6.06 3.17 5.10
N SER A 92 5.62 1.92 4.87
N SER A 92 5.56 1.93 4.92
CA SER A 92 6.10 0.72 5.60
CA SER A 92 5.99 0.67 5.58
C SER A 92 5.65 0.67 7.06
C SER A 92 5.56 0.61 7.05
N ARG A 93 4.82 1.65 7.51
CA ARG A 93 4.36 1.67 8.89
CA ARG A 93 4.35 1.78 8.89
C ARG A 93 2.88 1.33 8.96
N LEU A 94 2.59 0.35 9.83
CA LEU A 94 1.23 -0.18 10.01
C LEU A 94 0.68 0.21 11.37
N ASN A 95 -0.41 0.99 11.39
CA ASN A 95 -1.05 1.47 12.63
C ASN A 95 -2.02 0.39 13.13
N LEU A 96 -1.48 -0.67 13.71
CA LEU A 96 -2.26 -1.80 14.23
C LEU A 96 -2.62 -1.57 15.69
N ARG A 97 -3.92 -1.55 16.02
CA ARG A 97 -4.44 -1.31 17.37
C ARG A 97 -5.49 -2.36 17.67
N GLU A 98 -5.76 -2.63 18.97
CA GLU A 98 -6.79 -3.61 19.36
C GLU A 98 -8.12 -3.36 18.67
N GLY A 99 -8.48 -2.09 18.53
CA GLY A 99 -9.76 -1.65 17.98
C GLY A 99 -9.86 -1.73 16.46
N ASN A 100 -8.73 -1.92 15.76
CA ASN A 100 -8.81 -1.98 14.30
C ASN A 100 -8.24 -3.26 13.69
N ILE A 101 -7.60 -4.12 14.50
CA ILE A 101 -6.88 -5.29 13.95
C ILE A 101 -7.77 -6.24 13.12
N MET A 102 -9.00 -6.52 13.59
CA MET A 102 -9.87 -7.41 12.82
C MET A 102 -10.17 -6.83 11.43
N ALA A 103 -10.45 -5.52 11.37
CA ALA A 103 -10.76 -4.85 10.09
C ALA A 103 -9.51 -4.79 9.22
N VAL A 104 -8.35 -4.46 9.81
CA VAL A 104 -7.11 -4.41 9.02
C VAL A 104 -6.80 -5.81 8.45
N MET A 105 -6.95 -6.87 9.27
CA MET A 105 -6.64 -8.21 8.76
C MET A 105 -7.60 -8.60 7.63
N ALA A 106 -8.92 -8.35 7.81
CA ALA A 106 -9.89 -8.68 6.77
C ALA A 106 -9.59 -7.92 5.47
N THR A 107 -9.22 -6.64 5.61
CA THR A 107 -8.89 -5.82 4.43
C THR A 107 -7.61 -6.35 3.75
N ALA A 108 -6.56 -6.68 4.54
CA ALA A 108 -5.30 -7.18 3.99
C ALA A 108 -5.53 -8.53 3.28
N MET A 109 -6.45 -9.37 3.80
CA MET A 109 -6.76 -10.64 3.12
C MET A 109 -7.39 -10.37 1.75
N TYR A 110 -8.34 -9.42 1.71
CA TYR A 110 -9.01 -9.02 0.46
C TYR A 110 -7.99 -8.42 -0.52
N LEU A 111 -7.13 -7.52 -0.02
CA LEU A 111 -6.14 -6.88 -0.89
C LEU A 111 -4.96 -7.80 -1.25
N GLN A 112 -4.85 -8.99 -0.60
CA GLN A 112 -3.77 -9.94 -0.86
C GLN A 112 -2.41 -9.30 -0.52
N MET A 113 -2.28 -8.89 0.76
CA MET A 113 -1.07 -8.31 1.33
C MET A 113 -0.60 -9.29 2.39
N GLU A 114 0.15 -10.32 1.91
CA GLU A 114 0.54 -11.52 2.66
C GLU A 114 1.25 -11.26 3.98
N HIS A 115 2.30 -10.40 3.98
CA HIS A 115 3.04 -10.14 5.22
C HIS A 115 2.19 -9.43 6.26
N VAL A 116 1.25 -8.56 5.82
CA VAL A 116 0.36 -7.88 6.79
C VAL A 116 -0.58 -8.93 7.40
N VAL A 117 -1.16 -9.83 6.56
CA VAL A 117 -2.05 -10.86 7.10
C VAL A 117 -1.30 -11.68 8.16
N ASP A 118 -0.09 -12.14 7.83
CA ASP A 118 0.73 -12.93 8.76
C ASP A 118 0.96 -12.25 10.11
N THR A 119 1.31 -10.94 10.13
CA THR A 119 1.54 -10.22 11.41
CA THR A 119 1.55 -10.22 11.39
C THR A 119 0.26 -10.07 12.20
N CYS A 120 -0.87 -9.80 11.49
CA CYS A 120 -2.17 -9.65 12.15
C CYS A 120 -2.50 -10.95 12.86
N ARG A 121 -2.31 -12.09 12.16
CA ARG A 121 -2.58 -13.42 12.72
C ARG A 121 -1.78 -13.64 14.00
N LYS A 122 -0.49 -13.25 13.99
CA LYS A 122 0.41 -13.40 15.16
C LYS A 122 0.00 -12.52 16.34
N PHE A 123 -0.41 -11.26 16.08
CA PHE A 123 -0.85 -10.34 17.13
C PHE A 123 -2.17 -10.79 17.74
N ILE A 124 -3.08 -11.38 16.93
CA ILE A 124 -4.36 -11.91 17.43
C ILE A 124 -4.12 -13.16 18.27
N LYS A 125 -3.24 -14.08 17.80
CA LYS A 125 -2.91 -15.34 18.51
C LYS A 125 -2.33 -15.05 19.90
N ALA A 126 -1.51 -13.99 20.02
CA ALA A 126 -0.89 -13.56 21.29
C ALA A 126 -1.92 -13.09 22.33
N SER A 127 -3.08 -12.56 21.89
CA SER A 127 -4.14 -12.08 22.78
C SER A 127 -5.16 -13.18 23.15
N GLU A 128 -5.05 -14.37 22.52
CA GLU A 128 -5.94 -15.50 22.82
C GLU A 128 -5.17 -16.79 23.11
CA ALA B 1 25.54 5.45 2.94
C ALA B 1 25.58 4.38 1.85
N TRP B 2 26.77 4.12 1.28
N TRP B 2 26.76 4.14 1.25
CA TRP B 2 26.98 3.16 0.21
CA TRP B 2 26.88 3.09 0.25
C TRP B 2 27.69 1.91 0.74
C TRP B 2 27.49 1.87 0.90
N VAL B 3 27.24 0.70 0.31
CA VAL B 3 27.81 -0.59 0.75
C VAL B 3 28.08 -1.52 -0.44
N ILE B 4 28.81 -2.61 -0.17
CA ILE B 4 28.98 -3.69 -1.12
C ILE B 4 27.76 -4.61 -0.83
N PRO B 5 26.81 -4.76 -1.75
CA PRO B 5 25.62 -5.57 -1.42
C PRO B 5 25.88 -7.07 -1.38
N ALA B 6 25.15 -7.78 -0.51
#